data_7HRK
#
_entry.id   7HRK
#
_cell.length_a   99.420
_cell.length_b   99.532
_cell.length_c   128.169
_cell.angle_alpha   90.00
_cell.angle_beta   90.00
_cell.angle_gamma   90.00
#
_symmetry.space_group_name_H-M   'I 2 2 2'
#
loop_
_entity.id
_entity.type
_entity.pdbx_description
1 polymer 'Oleoyl-acyl carrier protein thioesterase 1, chloroplastic'
2 non-polymer 'SULFATE ION'
3 non-polymer '1H-INDOLE-3-CARBOXYLIC ACID'
4 water water
#
_entity_poly.entity_id   1
_entity_poly.type   'polypeptide(L)'
_entity_poly.pdbx_seq_one_letter_code
;MGSLTEDGLSYKEKFVVRSYEVGSNKTATVETIANLLQEVGCNHAQSVGFSTDGFATTTTMRKLHLIWVTARMHIEIYKY
PAWGDVVEIETWCQSEGRIGTRRDWILKDSVTGEVTGRATSKWVMMNQDTRRLQKVSDDVRDEYLVFCPQEPRLAFPEEN
NRSLKKIPKLEDPAQYSMIGLKPRRADLDMNQHVNNVTYIGWVLESIPQEIVDTHELQVITLDYRRECQQDDVVDSLTTT
TSEIGGTNGSATSGTQGHNDSQFLHLLRLSGDGQEINRGTTLWRKKPSSHHHHHH
;
_entity_poly.pdbx_strand_id   A,B
#
loop_
_chem_comp.id
_chem_comp.type
_chem_comp.name
_chem_comp.formula
ICO non-polymer '1H-INDOLE-3-CARBOXYLIC ACID' 'C9 H7 N O2'
SO4 non-polymer 'SULFATE ION' 'O4 S -2'
#
# COMPACT_ATOMS: atom_id res chain seq x y z
N GLY A 2 -10.85 16.38 -4.25
CA GLY A 2 -11.53 16.00 -5.49
C GLY A 2 -12.88 16.69 -5.63
N SER A 3 -13.46 16.65 -6.84
CA SER A 3 -14.76 17.25 -7.06
C SER A 3 -15.41 16.73 -8.32
N LEU A 4 -16.75 16.73 -8.33
CA LEU A 4 -17.52 16.45 -9.55
C LEU A 4 -17.23 17.66 -10.49
N THR A 5 -17.17 17.40 -11.80
CA THR A 5 -16.94 18.44 -12.78
C THR A 5 -18.20 19.34 -12.89
N GLU A 6 -18.15 20.40 -13.69
CA GLU A 6 -19.26 21.34 -13.85
C GLU A 6 -20.63 20.69 -14.20
N ASP A 7 -20.66 19.77 -15.19
CA ASP A 7 -21.90 19.12 -15.57
C ASP A 7 -22.38 18.02 -14.57
N GLY A 8 -21.58 17.71 -13.56
CA GLY A 8 -21.89 16.71 -12.55
C GLY A 8 -21.89 15.28 -13.04
N LEU A 9 -21.34 15.03 -14.26
CA LEU A 9 -21.33 13.69 -14.87
C LEU A 9 -19.98 12.96 -14.83
N SER A 10 -18.97 13.55 -14.18
CA SER A 10 -17.66 12.95 -13.99
C SER A 10 -17.00 13.54 -12.75
N TYR A 11 -15.90 12.93 -12.30
CA TYR A 11 -15.24 13.34 -11.08
C TYR A 11 -13.73 13.42 -11.30
N LYS A 12 -13.09 14.46 -10.76
CA LYS A 12 -11.65 14.68 -10.91
C LYS A 12 -10.97 14.76 -9.56
N GLU A 13 -9.75 14.26 -9.47
CA GLU A 13 -8.99 14.31 -8.22
C GLU A 13 -7.51 14.30 -8.52
N LYS A 14 -6.73 15.04 -7.73
CA LYS A 14 -5.28 15.13 -7.86
C LYS A 14 -4.61 14.34 -6.74
N PHE A 15 -3.47 13.72 -7.07
CA PHE A 15 -2.69 12.93 -6.13
C PHE A 15 -1.22 13.27 -6.29
N VAL A 16 -0.49 13.38 -5.18
CA VAL A 16 0.95 13.61 -5.24
C VAL A 16 1.57 12.22 -5.01
N VAL A 17 2.36 11.70 -5.94
CA VAL A 17 3.00 10.39 -5.80
C VAL A 17 3.95 10.31 -4.58
N ARG A 18 3.71 9.33 -3.69
CA ARG A 18 4.48 9.15 -2.45
C ARG A 18 5.76 8.32 -2.62
N SER A 19 6.71 8.46 -1.67
CA SER A 19 7.98 7.73 -1.70
C SER A 19 7.81 6.21 -1.73
N TYR A 20 6.87 5.65 -0.93
CA TYR A 20 6.64 4.21 -0.88
C TYR A 20 5.79 3.65 -2.04
N GLU A 21 5.27 4.52 -2.88
CA GLU A 21 4.42 4.17 -4.03
C GLU A 21 5.22 3.93 -5.32
N VAL A 22 6.56 4.18 -5.31
CA VAL A 22 7.35 4.06 -6.52
C VAL A 22 8.24 2.81 -6.54
N GLY A 23 8.59 2.35 -7.74
CA GLY A 23 9.49 1.22 -7.95
C GLY A 23 10.92 1.63 -8.22
N SER A 24 11.72 0.73 -8.84
N SER A 24 11.71 0.72 -8.83
N SER A 24 11.72 0.73 -8.84
CA SER A 24 13.13 0.94 -9.16
CA SER A 24 13.13 0.91 -9.16
CA SER A 24 13.13 0.94 -9.16
C SER A 24 13.41 2.14 -10.06
C SER A 24 13.42 2.10 -10.10
C SER A 24 13.41 2.14 -10.06
N ASN A 25 12.45 2.49 -10.92
CA ASN A 25 12.61 3.63 -11.83
C ASN A 25 12.28 5.00 -11.14
N LYS A 26 11.95 4.99 -9.83
CA LYS A 26 11.50 6.17 -9.10
C LYS A 26 10.21 6.74 -9.69
N THR A 27 9.37 5.89 -10.33
CA THR A 27 8.06 6.28 -10.85
C THR A 27 7.00 5.32 -10.23
N ALA A 28 5.74 5.75 -10.19
CA ALA A 28 4.68 4.98 -9.55
C ALA A 28 4.53 3.59 -10.16
N THR A 29 4.30 2.56 -9.32
CA THR A 29 4.05 1.21 -9.83
C THR A 29 2.63 1.14 -10.45
N VAL A 30 2.34 0.12 -11.25
CA VAL A 30 1.01 -0.07 -11.80
C VAL A 30 0.01 -0.41 -10.67
N GLU A 31 0.47 -1.05 -9.57
CA GLU A 31 -0.39 -1.31 -8.42
C GLU A 31 -0.76 0.01 -7.73
N THR A 32 0.19 0.97 -7.62
CA THR A 32 -0.15 2.30 -7.06
C THR A 32 -1.20 2.96 -7.97
N ILE A 33 -0.98 2.94 -9.30
CA ILE A 33 -1.97 3.51 -10.24
C ILE A 33 -3.38 2.89 -10.03
N ALA A 34 -3.47 1.55 -10.01
CA ALA A 34 -4.71 0.80 -9.80
C ALA A 34 -5.38 1.19 -8.47
N ASN A 35 -4.61 1.39 -7.39
CA ASN A 35 -5.14 1.84 -6.10
C ASN A 35 -5.75 3.25 -6.23
N LEU A 36 -5.06 4.17 -6.94
CA LEU A 36 -5.57 5.55 -7.15
C LEU A 36 -6.84 5.51 -8.00
N LEU A 37 -6.92 4.59 -8.98
CA LEU A 37 -8.15 4.47 -9.81
C LEU A 37 -9.32 4.08 -8.92
N GLN A 38 -9.09 3.14 -8.00
CA GLN A 38 -10.09 2.66 -7.04
C GLN A 38 -10.52 3.79 -6.10
N GLU A 39 -9.55 4.57 -5.59
CA GLU A 39 -9.78 5.69 -4.69
C GLU A 39 -10.65 6.77 -5.36
N VAL A 40 -10.34 7.12 -6.62
CA VAL A 40 -11.12 8.14 -7.32
C VAL A 40 -12.54 7.60 -7.65
N GLY A 41 -12.66 6.30 -7.91
CA GLY A 41 -13.98 5.68 -8.15
C GLY A 41 -14.84 5.77 -6.88
N CYS A 42 -14.22 5.50 -5.71
N CYS A 42 -14.22 5.50 -5.74
N CYS A 42 -14.22 5.50 -5.71
CA CYS A 42 -14.89 5.55 -4.41
CA CYS A 42 -14.89 5.55 -4.45
CA CYS A 42 -14.89 5.55 -4.41
C CYS A 42 -15.34 6.99 -4.09
C CYS A 42 -15.33 6.98 -4.10
C CYS A 42 -15.34 6.99 -4.09
N ASN A 43 -14.48 7.98 -4.36
CA ASN A 43 -14.82 9.39 -4.09
C ASN A 43 -15.96 9.89 -5.02
N HIS A 44 -16.01 9.40 -6.26
CA HIS A 44 -17.08 9.71 -7.20
C HIS A 44 -18.43 9.16 -6.63
N ALA A 45 -18.48 7.87 -6.22
CA ALA A 45 -19.68 7.24 -5.65
C ALA A 45 -20.17 8.01 -4.40
N GLN A 46 -19.24 8.41 -3.53
CA GLN A 46 -19.59 9.16 -2.32
C GLN A 46 -20.19 10.52 -2.67
N SER A 47 -19.61 11.18 -3.67
N SER A 47 -19.61 11.19 -3.67
N SER A 47 -19.61 11.18 -3.67
CA SER A 47 -20.05 12.50 -4.11
CA SER A 47 -20.07 12.51 -4.08
CA SER A 47 -20.05 12.50 -4.11
C SER A 47 -21.49 12.52 -4.59
C SER A 47 -21.51 12.52 -4.57
C SER A 47 -21.49 12.52 -4.59
N VAL A 48 -22.02 11.39 -5.08
CA VAL A 48 -23.41 11.32 -5.56
C VAL A 48 -24.35 10.50 -4.66
N GLY A 49 -23.91 10.12 -3.47
CA GLY A 49 -24.76 9.44 -2.49
C GLY A 49 -24.82 7.93 -2.54
N PHE A 50 -23.93 7.28 -3.30
CA PHE A 50 -23.91 5.80 -3.34
C PHE A 50 -23.10 5.21 -2.20
N SER A 51 -23.20 3.88 -1.98
CA SER A 51 -22.44 3.25 -0.91
C SER A 51 -20.95 3.45 -1.06
N THR A 52 -20.29 3.55 0.06
CA THR A 52 -18.86 3.69 0.13
C THR A 52 -18.43 2.45 0.87
N ASP A 53 -17.90 1.48 0.11
CA ASP A 53 -17.43 0.14 0.56
C ASP A 53 -16.85 -0.71 -0.59
N GLY A 54 -16.73 -0.12 -1.79
CA GLY A 54 -16.24 -0.83 -2.96
C GLY A 54 -17.33 -1.48 -3.79
N PHE A 55 -18.57 -1.50 -3.28
CA PHE A 55 -19.69 -2.13 -4.00
C PHE A 55 -20.62 -1.13 -4.71
N ALA A 56 -20.46 0.18 -4.45
CA ALA A 56 -21.23 1.29 -5.06
C ALA A 56 -22.74 0.98 -5.22
N THR A 57 -23.36 0.51 -4.14
CA THR A 57 -24.76 0.12 -4.17
C THR A 57 -25.76 1.26 -4.03
N THR A 58 -26.89 1.11 -4.72
CA THR A 58 -28.04 2.02 -4.65
C THR A 58 -28.99 1.52 -3.52
N THR A 59 -30.00 2.33 -3.16
CA THR A 59 -30.98 1.97 -2.13
C THR A 59 -31.70 0.64 -2.42
N THR A 60 -32.06 0.39 -3.67
CA THR A 60 -32.76 -0.83 -4.04
C THR A 60 -31.82 -2.04 -4.01
N MET A 61 -30.55 -1.86 -4.42
CA MET A 61 -29.55 -2.93 -4.38
C MET A 61 -29.33 -3.42 -2.95
N ARG A 62 -29.23 -2.49 -1.96
CA ARG A 62 -28.98 -2.88 -0.57
C ARG A 62 -30.10 -3.77 0.01
N LYS A 63 -31.36 -3.43 -0.30
CA LYS A 63 -32.54 -4.17 0.14
C LYS A 63 -32.51 -5.59 -0.47
N LEU A 64 -32.13 -5.69 -1.75
CA LEU A 64 -32.09 -6.99 -2.44
C LEU A 64 -30.77 -7.76 -2.25
N HIS A 65 -29.84 -7.25 -1.44
CA HIS A 65 -28.54 -7.87 -1.20
C HIS A 65 -27.73 -7.99 -2.51
N LEU A 66 -27.80 -6.96 -3.36
CA LEU A 66 -27.04 -6.93 -4.61
C LEU A 66 -25.82 -6.04 -4.51
N ILE A 67 -24.72 -6.44 -5.18
CA ILE A 67 -23.46 -5.68 -5.22
C ILE A 67 -22.89 -5.62 -6.64
N TRP A 68 -22.02 -4.63 -6.88
CA TRP A 68 -21.29 -4.51 -8.15
C TRP A 68 -19.96 -5.23 -7.94
N VAL A 69 -19.58 -6.08 -8.89
CA VAL A 69 -18.31 -6.79 -8.83
C VAL A 69 -17.54 -6.62 -10.16
N THR A 70 -16.21 -6.45 -10.10
CA THR A 70 -15.41 -6.29 -11.32
C THR A 70 -15.30 -7.58 -12.10
N ALA A 71 -15.55 -7.53 -13.40
CA ALA A 71 -15.40 -8.67 -14.29
C ALA A 71 -14.09 -8.54 -15.09
N ARG A 72 -13.70 -7.31 -15.46
CA ARG A 72 -12.49 -7.07 -16.26
C ARG A 72 -11.94 -5.67 -15.96
N MET A 73 -10.59 -5.56 -15.92
CA MET A 73 -9.85 -4.31 -15.74
C MET A 73 -8.83 -4.23 -16.93
N HIS A 74 -8.73 -3.07 -17.57
CA HIS A 74 -7.80 -2.86 -18.68
C HIS A 74 -7.14 -1.51 -18.45
N ILE A 75 -5.81 -1.48 -18.34
CA ILE A 75 -5.07 -0.24 -18.08
C ILE A 75 -3.95 -0.08 -19.11
N GLU A 76 -3.80 1.16 -19.65
CA GLU A 76 -2.70 1.49 -20.53
C GLU A 76 -1.96 2.72 -19.98
N ILE A 77 -0.65 2.59 -19.71
CA ILE A 77 0.16 3.69 -19.20
C ILE A 77 1.20 4.11 -20.25
N TYR A 78 1.22 5.40 -20.60
CA TYR A 78 2.20 5.97 -21.52
C TYR A 78 3.41 6.47 -20.74
N LYS A 79 3.18 7.09 -19.57
CA LYS A 79 4.25 7.57 -18.70
C LYS A 79 3.79 7.39 -17.28
N TYR A 80 4.60 6.75 -16.46
CA TYR A 80 4.33 6.58 -15.04
C TYR A 80 4.78 7.87 -14.34
N PRO A 81 3.96 8.42 -13.45
CA PRO A 81 4.34 9.68 -12.79
C PRO A 81 5.48 9.44 -11.81
N ALA A 82 6.42 10.36 -11.78
CA ALA A 82 7.56 10.26 -10.90
C ALA A 82 7.15 10.61 -9.47
N TRP A 83 7.96 10.16 -8.51
CA TRP A 83 7.82 10.49 -7.12
C TRP A 83 7.81 12.04 -6.93
N GLY A 84 6.79 12.55 -6.25
CA GLY A 84 6.63 13.98 -6.05
C GLY A 84 5.78 14.66 -7.12
N ASP A 85 5.53 13.97 -8.26
CA ASP A 85 4.70 14.55 -9.33
C ASP A 85 3.21 14.56 -8.95
N VAL A 86 2.46 15.47 -9.54
CA VAL A 86 1.04 15.55 -9.30
C VAL A 86 0.33 14.93 -10.51
N VAL A 87 -0.51 13.92 -10.28
CA VAL A 87 -1.26 13.31 -11.36
C VAL A 87 -2.75 13.65 -11.17
N GLU A 88 -3.45 14.03 -12.26
CA GLU A 88 -4.89 14.31 -12.14
C GLU A 88 -5.65 13.16 -12.80
N ILE A 89 -6.66 12.63 -12.13
CA ILE A 89 -7.44 11.51 -12.66
C ILE A 89 -8.91 11.88 -12.80
N GLU A 90 -9.46 11.70 -13.98
CA GLU A 90 -10.88 11.95 -14.21
C GLU A 90 -11.57 10.60 -14.43
N THR A 91 -12.73 10.39 -13.79
CA THR A 91 -13.48 9.14 -13.90
C THR A 91 -14.98 9.38 -14.14
N TRP A 92 -15.58 8.43 -14.84
CA TRP A 92 -17.00 8.47 -15.11
C TRP A 92 -17.54 7.05 -15.27
N CYS A 93 -18.86 6.88 -15.10
N CYS A 93 -18.85 6.90 -15.14
N CYS A 93 -18.86 6.90 -15.14
CA CYS A 93 -19.53 5.60 -15.23
CA CYS A 93 -19.53 5.61 -15.21
CA CYS A 93 -19.56 5.63 -15.28
C CYS A 93 -20.58 5.63 -16.35
C CYS A 93 -20.60 5.63 -16.33
C CYS A 93 -20.53 5.67 -16.43
N GLN A 94 -20.81 4.49 -17.00
CA GLN A 94 -21.81 4.41 -18.09
C GLN A 94 -22.47 3.05 -18.01
N SER A 95 -23.80 2.98 -18.18
CA SER A 95 -24.45 1.68 -18.15
C SER A 95 -24.29 1.00 -19.51
N GLU A 96 -24.18 -0.33 -19.52
CA GLU A 96 -24.08 -1.09 -20.76
C GLU A 96 -25.34 -1.96 -20.86
N GLY A 97 -26.49 -1.30 -20.77
CA GLY A 97 -27.79 -1.96 -20.81
C GLY A 97 -27.99 -2.83 -19.59
N ARG A 98 -28.43 -4.07 -19.81
CA ARG A 98 -28.63 -5.02 -18.73
C ARG A 98 -27.40 -5.87 -18.40
N ILE A 99 -26.34 -5.79 -19.25
CA ILE A 99 -25.08 -6.52 -19.08
C ILE A 99 -24.41 -6.11 -17.75
N GLY A 100 -24.36 -4.82 -17.48
CA GLY A 100 -23.72 -4.25 -16.29
C GLY A 100 -23.34 -2.80 -16.50
N THR A 101 -22.31 -2.34 -15.82
CA THR A 101 -21.83 -0.98 -15.96
C THR A 101 -20.34 -0.96 -16.33
N ARG A 102 -19.88 0.19 -16.78
CA ARG A 102 -18.48 0.37 -17.13
C ARG A 102 -17.98 1.62 -16.39
N ARG A 103 -16.79 1.54 -15.78
CA ARG A 103 -16.19 2.73 -15.22
C ARG A 103 -14.92 2.97 -16.02
N ASP A 104 -14.72 4.21 -16.51
CA ASP A 104 -13.54 4.63 -17.27
C ASP A 104 -12.72 5.69 -16.53
N TRP A 105 -11.42 5.80 -16.87
CA TRP A 105 -10.55 6.80 -16.25
C TRP A 105 -9.56 7.36 -17.28
N ILE A 106 -9.16 8.61 -17.10
CA ILE A 106 -8.12 9.28 -17.89
C ILE A 106 -7.13 9.84 -16.89
N LEU A 107 -5.84 9.54 -17.06
CA LEU A 107 -4.80 10.06 -16.16
C LEU A 107 -4.02 11.13 -16.92
N LYS A 108 -3.74 12.26 -16.26
CA LYS A 108 -3.00 13.34 -16.86
C LYS A 108 -1.89 13.88 -15.97
N ASP A 109 -0.84 14.40 -16.59
CA ASP A 109 0.24 15.08 -15.91
C ASP A 109 -0.39 16.46 -15.58
N SER A 110 -0.45 16.83 -14.30
CA SER A 110 -1.08 18.07 -13.87
C SER A 110 -0.41 19.34 -14.41
N VAL A 111 0.92 19.30 -14.57
CA VAL A 111 1.68 20.43 -15.05
C VAL A 111 1.52 20.63 -16.55
N THR A 112 1.74 19.59 -17.36
CA THR A 112 1.66 19.72 -18.82
C THR A 112 0.25 19.59 -19.40
N GLY A 113 -0.65 18.96 -18.66
CA GLY A 113 -2.00 18.67 -19.14
C GLY A 113 -2.08 17.49 -20.11
N GLU A 114 -0.95 16.81 -20.35
CA GLU A 114 -0.86 15.66 -21.26
C GLU A 114 -1.49 14.37 -20.70
N VAL A 115 -2.12 13.55 -21.56
CA VAL A 115 -2.70 12.27 -21.15
C VAL A 115 -1.57 11.28 -20.97
N THR A 116 -1.36 10.82 -19.75
CA THR A 116 -0.28 9.87 -19.43
C THR A 116 -0.77 8.40 -19.29
N GLY A 117 -2.07 8.20 -19.19
CA GLY A 117 -2.65 6.87 -19.07
C GLY A 117 -4.16 6.86 -19.23
N ARG A 118 -4.72 5.67 -19.40
CA ARG A 118 -6.17 5.48 -19.51
C ARG A 118 -6.56 4.09 -19.04
N ALA A 119 -7.78 3.97 -18.53
CA ALA A 119 -8.25 2.66 -18.04
C ALA A 119 -9.75 2.51 -18.19
N THR A 120 -10.20 1.25 -18.28
CA THR A 120 -11.60 0.90 -18.40
C THR A 120 -11.87 -0.38 -17.59
N SER A 121 -13.06 -0.49 -17.02
CA SER A 121 -13.41 -1.66 -16.23
C SER A 121 -14.87 -2.02 -16.44
N LYS A 122 -15.17 -3.32 -16.50
CA LYS A 122 -16.51 -3.88 -16.66
C LYS A 122 -16.94 -4.43 -15.31
N TRP A 123 -18.14 -4.08 -14.88
CA TRP A 123 -18.72 -4.47 -13.61
C TRP A 123 -20.05 -5.18 -13.85
N VAL A 124 -20.32 -6.23 -13.08
CA VAL A 124 -21.56 -7.03 -13.18
C VAL A 124 -22.28 -7.06 -11.82
N MET A 125 -23.59 -7.21 -11.83
CA MET A 125 -24.38 -7.27 -10.61
C MET A 125 -24.44 -8.71 -10.09
N MET A 126 -24.28 -8.88 -8.78
CA MET A 126 -24.27 -10.20 -8.17
C MET A 126 -24.97 -10.13 -6.81
N ASN A 127 -25.71 -11.20 -6.44
CA ASN A 127 -26.28 -11.28 -5.10
C ASN A 127 -25.09 -11.60 -4.19
N GLN A 128 -24.85 -10.81 -3.13
CA GLN A 128 -23.64 -11.01 -2.31
C GLN A 128 -23.59 -12.31 -1.47
N ASP A 129 -24.76 -12.93 -1.23
CA ASP A 129 -24.86 -14.15 -0.46
C ASP A 129 -24.75 -15.40 -1.33
N THR A 130 -25.55 -15.50 -2.40
CA THR A 130 -25.51 -16.67 -3.27
C THR A 130 -24.38 -16.63 -4.30
N ARG A 131 -23.80 -15.44 -4.55
CA ARG A 131 -22.77 -15.21 -5.57
C ARG A 131 -23.32 -15.42 -6.98
N ARG A 132 -24.64 -15.31 -7.19
CA ARG A 132 -25.24 -15.55 -8.49
C ARG A 132 -25.33 -14.25 -9.27
N LEU A 133 -24.78 -14.26 -10.49
CA LEU A 133 -24.82 -13.10 -11.39
C LEU A 133 -26.24 -12.86 -11.86
N GLN A 134 -26.56 -11.62 -12.21
CA GLN A 134 -27.86 -11.30 -12.75
C GLN A 134 -27.83 -10.03 -13.58
N LYS A 135 -28.71 -9.98 -14.59
CA LYS A 135 -28.84 -8.80 -15.43
C LYS A 135 -29.35 -7.61 -14.59
N VAL A 136 -29.12 -6.38 -15.07
CA VAL A 136 -29.56 -5.19 -14.35
C VAL A 136 -31.02 -4.90 -14.65
N SER A 137 -31.84 -4.75 -13.60
CA SER A 137 -33.25 -4.45 -13.75
C SER A 137 -33.49 -2.96 -14.09
N ASP A 138 -34.72 -2.60 -14.51
CA ASP A 138 -35.08 -1.22 -14.82
C ASP A 138 -35.06 -0.35 -13.55
N ASP A 139 -35.64 -0.86 -12.44
CA ASP A 139 -35.71 -0.14 -11.16
C ASP A 139 -34.35 0.27 -10.63
N VAL A 140 -33.35 -0.63 -10.70
CA VAL A 140 -31.99 -0.33 -10.24
C VAL A 140 -31.34 0.68 -11.19
N ARG A 141 -31.52 0.46 -12.50
CA ARG A 141 -30.98 1.30 -13.57
C ARG A 141 -31.36 2.78 -13.48
N ASP A 142 -32.67 3.14 -13.37
CA ASP A 142 -33.05 4.57 -13.33
C ASP A 142 -32.42 5.33 -12.18
N GLU A 143 -32.15 4.65 -11.05
CA GLU A 143 -31.52 5.26 -9.89
C GLU A 143 -30.12 5.75 -10.18
N TYR A 144 -29.39 5.12 -11.13
CA TYR A 144 -28.01 5.58 -11.40
C TYR A 144 -27.82 6.16 -12.80
N LEU A 145 -28.84 6.12 -13.67
CA LEU A 145 -28.71 6.71 -15.02
C LEU A 145 -28.50 8.22 -14.99
N VAL A 146 -29.06 8.90 -13.97
CA VAL A 146 -28.92 10.34 -13.79
C VAL A 146 -27.51 10.81 -13.40
N PHE A 147 -26.60 9.88 -13.09
CA PHE A 147 -25.23 10.23 -12.73
C PHE A 147 -24.22 9.88 -13.87
N CYS A 148 -24.71 9.31 -14.98
CA CYS A 148 -23.94 8.85 -16.14
C CYS A 148 -24.22 9.75 -17.33
N PRO A 149 -23.21 10.02 -18.18
CA PRO A 149 -23.49 10.80 -19.41
C PRO A 149 -24.42 9.98 -20.32
N GLN A 150 -25.34 10.65 -21.02
CA GLN A 150 -26.30 9.94 -21.87
C GLN A 150 -25.70 9.59 -23.26
N GLU A 151 -24.80 10.42 -23.77
CA GLU A 151 -24.10 10.11 -25.02
C GLU A 151 -22.83 9.28 -24.67
N PRO A 152 -22.40 8.33 -25.53
CA PRO A 152 -21.24 7.50 -25.17
C PRO A 152 -19.95 8.29 -25.01
N ARG A 153 -19.21 8.00 -23.94
CA ARG A 153 -17.94 8.62 -23.64
C ARG A 153 -16.99 7.46 -23.30
N LEU A 154 -16.00 7.19 -24.16
CA LEU A 154 -15.12 6.06 -23.97
C LEU A 154 -13.68 6.47 -23.75
N ALA A 155 -13.00 5.83 -22.77
CA ALA A 155 -11.57 6.05 -22.63
C ALA A 155 -10.86 5.35 -23.81
N PHE A 156 -11.41 4.25 -24.32
CA PHE A 156 -10.85 3.51 -25.44
C PHE A 156 -11.89 3.53 -26.56
N PRO A 157 -11.95 4.64 -27.31
CA PRO A 157 -12.95 4.74 -28.38
C PRO A 157 -12.65 3.85 -29.60
N GLU A 158 -11.38 3.72 -30.00
CA GLU A 158 -10.91 2.91 -31.15
C GLU A 158 -11.80 1.71 -31.55
N GLU A 159 -11.81 1.38 -32.85
CA GLU A 159 -12.65 0.30 -33.41
C GLU A 159 -12.35 -1.09 -32.86
N ASN A 160 -11.09 -1.55 -32.93
CA ASN A 160 -10.73 -2.87 -32.38
C ASN A 160 -9.67 -2.64 -31.31
N ASN A 161 -10.06 -2.02 -30.21
CA ASN A 161 -9.12 -1.72 -29.13
C ASN A 161 -8.80 -2.94 -28.27
N ARG A 162 -7.64 -2.91 -27.59
CA ARG A 162 -7.16 -4.01 -26.74
C ARG A 162 -8.05 -4.30 -25.54
N SER A 163 -8.89 -3.33 -25.13
CA SER A 163 -9.77 -3.48 -23.97
C SER A 163 -10.87 -4.52 -24.09
N LEU A 164 -11.22 -4.94 -25.33
CA LEU A 164 -12.30 -5.89 -25.59
C LEU A 164 -11.85 -7.24 -26.16
N LYS A 165 -10.54 -7.50 -26.24
CA LYS A 165 -10.06 -8.76 -26.83
C LYS A 165 -10.30 -9.94 -25.88
N LYS A 166 -10.70 -11.10 -26.43
CA LYS A 166 -10.93 -12.32 -25.63
C LYS A 166 -9.56 -12.88 -25.17
N ILE A 167 -9.47 -13.38 -23.92
CA ILE A 167 -8.21 -13.92 -23.39
C ILE A 167 -8.27 -15.45 -23.32
N PRO A 168 -7.31 -16.16 -23.95
CA PRO A 168 -7.34 -17.62 -23.90
C PRO A 168 -6.80 -18.18 -22.57
N LYS A 169 -6.98 -19.49 -22.36
CA LYS A 169 -6.53 -20.11 -21.12
C LYS A 169 -5.13 -20.68 -21.32
N LEU A 170 -4.17 -20.28 -20.49
CA LEU A 170 -2.79 -20.76 -20.56
C LEU A 170 -2.76 -22.30 -20.42
N GLU A 171 -2.02 -23.00 -21.28
CA GLU A 171 -1.94 -24.47 -21.20
C GLU A 171 -0.67 -24.91 -20.45
N ASP A 172 -0.76 -25.95 -19.61
CA ASP A 172 0.42 -26.45 -18.90
C ASP A 172 1.36 -27.15 -19.92
N PRO A 173 2.69 -27.06 -19.78
CA PRO A 173 3.42 -26.37 -18.71
C PRO A 173 3.62 -24.87 -18.97
N ALA A 174 3.54 -24.05 -17.90
CA ALA A 174 3.77 -22.60 -18.04
C ALA A 174 5.29 -22.39 -18.22
N GLN A 175 5.70 -21.29 -18.88
CA GLN A 175 7.12 -21.01 -19.06
C GLN A 175 7.73 -20.54 -17.73
N TYR A 176 6.99 -19.72 -16.97
CA TYR A 176 7.39 -19.18 -15.66
C TYR A 176 6.27 -19.36 -14.63
N SER A 177 6.62 -19.45 -13.35
CA SER A 177 5.62 -19.58 -12.30
C SER A 177 6.14 -19.07 -10.96
N MET A 178 5.21 -18.62 -10.12
CA MET A 178 5.47 -18.20 -8.75
C MET A 178 4.39 -18.94 -7.93
N ILE A 179 4.78 -19.82 -7.06
CA ILE A 179 3.85 -20.70 -6.35
C ILE A 179 3.62 -20.31 -4.90
N GLY A 180 2.46 -20.69 -4.36
CA GLY A 180 2.19 -20.52 -2.95
C GLY A 180 1.97 -19.10 -2.46
N LEU A 181 1.47 -18.21 -3.31
CA LEU A 181 1.14 -16.82 -2.95
C LEU A 181 -0.08 -16.78 -2.04
N LYS A 182 0.00 -16.04 -0.91
CA LYS A 182 -1.07 -15.98 0.07
C LYS A 182 -1.33 -14.52 0.44
N PRO A 183 -2.59 -14.09 0.59
CA PRO A 183 -2.84 -12.72 1.03
C PRO A 183 -2.57 -12.54 2.53
N ARG A 184 -2.17 -11.34 2.94
CA ARG A 184 -2.04 -11.04 4.37
C ARG A 184 -3.12 -9.95 4.67
N ARG A 185 -3.28 -9.51 5.94
CA ARG A 185 -4.33 -8.55 6.27
C ARG A 185 -4.27 -7.25 5.45
N ALA A 186 -3.05 -6.77 5.11
CA ALA A 186 -2.89 -5.56 4.28
C ALA A 186 -3.49 -5.73 2.89
N ASP A 187 -3.64 -6.97 2.41
CA ASP A 187 -4.25 -7.22 1.09
C ASP A 187 -5.79 -7.17 1.12
N LEU A 188 -6.40 -7.06 2.30
CA LEU A 188 -7.86 -7.07 2.40
C LEU A 188 -8.44 -5.66 2.39
N ASP A 189 -9.68 -5.52 1.94
CA ASP A 189 -10.43 -4.26 1.99
C ASP A 189 -11.21 -4.18 3.33
N MET A 190 -12.00 -3.10 3.53
CA MET A 190 -12.80 -2.92 4.74
C MET A 190 -13.82 -4.06 4.98
N ASN A 191 -14.25 -4.75 3.92
CA ASN A 191 -15.20 -5.89 4.04
C ASN A 191 -14.52 -7.25 4.23
N GLN A 192 -13.19 -7.27 4.41
CA GLN A 192 -12.39 -8.49 4.58
C GLN A 192 -12.32 -9.37 3.32
N HIS A 193 -12.47 -8.75 2.16
CA HIS A 193 -12.34 -9.40 0.87
C HIS A 193 -10.95 -8.99 0.30
N VAL A 194 -10.30 -9.86 -0.50
CA VAL A 194 -9.01 -9.52 -1.11
C VAL A 194 -9.22 -8.36 -2.09
N ASN A 195 -8.40 -7.30 -1.95
CA ASN A 195 -8.49 -6.11 -2.80
C ASN A 195 -8.19 -6.50 -4.25
N ASN A 196 -8.97 -5.98 -5.19
CA ASN A 196 -8.76 -6.24 -6.61
C ASN A 196 -7.33 -6.00 -7.11
N VAL A 197 -6.61 -5.02 -6.54
CA VAL A 197 -5.25 -4.70 -6.95
C VAL A 197 -4.25 -5.82 -6.59
N THR A 198 -4.50 -6.55 -5.50
CA THR A 198 -3.63 -7.68 -5.08
C THR A 198 -3.47 -8.69 -6.22
N TYR A 199 -4.57 -8.96 -6.96
CA TYR A 199 -4.51 -9.92 -8.07
C TYR A 199 -3.56 -9.45 -9.18
N ILE A 200 -3.49 -8.11 -9.43
CA ILE A 200 -2.55 -7.51 -10.39
C ILE A 200 -1.12 -7.83 -9.92
N GLY A 201 -0.83 -7.60 -8.65
CA GLY A 201 0.48 -7.90 -8.07
C GLY A 201 0.86 -9.38 -8.23
N TRP A 202 -0.12 -10.28 -7.96
CA TRP A 202 0.11 -11.72 -8.07
C TRP A 202 0.37 -12.14 -9.52
N VAL A 203 -0.36 -11.54 -10.50
CA VAL A 203 -0.13 -11.81 -11.93
C VAL A 203 1.32 -11.48 -12.29
N LEU A 204 1.77 -10.26 -11.87
CA LEU A 204 3.09 -9.73 -12.15
C LEU A 204 4.24 -10.47 -11.46
N GLU A 205 3.95 -11.22 -10.39
CA GLU A 205 4.96 -11.98 -9.67
C GLU A 205 5.67 -13.02 -10.52
N SER A 206 4.98 -13.59 -11.53
CA SER A 206 5.61 -14.63 -12.36
C SER A 206 6.36 -14.06 -13.60
N ILE A 207 6.47 -12.74 -13.73
CA ILE A 207 7.24 -12.13 -14.84
C ILE A 207 8.70 -12.19 -14.41
N PRO A 208 9.64 -12.69 -15.24
CA PRO A 208 11.05 -12.74 -14.80
C PRO A 208 11.64 -11.35 -14.50
N GLN A 209 12.51 -11.27 -13.50
CA GLN A 209 13.11 -9.99 -13.10
C GLN A 209 13.87 -9.31 -14.25
N GLU A 210 14.41 -10.09 -15.21
CA GLU A 210 15.13 -9.53 -16.37
C GLU A 210 14.21 -8.70 -17.25
N ILE A 211 12.94 -9.12 -17.40
CA ILE A 211 11.97 -8.34 -18.18
C ILE A 211 11.69 -7.06 -17.42
N VAL A 212 11.45 -7.14 -16.11
CA VAL A 212 11.14 -5.99 -15.26
C VAL A 212 12.28 -4.96 -15.24
N ASP A 213 13.54 -5.42 -15.32
CA ASP A 213 14.73 -4.57 -15.33
C ASP A 213 14.98 -3.88 -16.68
N THR A 214 14.55 -4.49 -17.80
CA THR A 214 14.81 -3.94 -19.13
C THR A 214 13.59 -3.42 -19.89
N HIS A 215 12.40 -3.63 -19.35
CA HIS A 215 11.16 -3.21 -19.99
C HIS A 215 10.27 -2.42 -19.06
N GLU A 216 9.31 -1.70 -19.63
CA GLU A 216 8.30 -1.00 -18.85
C GLU A 216 6.94 -1.58 -19.24
N LEU A 217 6.09 -1.82 -18.28
CA LEU A 217 4.74 -2.34 -18.52
C LEU A 217 3.89 -1.26 -19.22
N GLN A 218 3.36 -1.55 -20.42
CA GLN A 218 2.54 -0.60 -21.14
C GLN A 218 1.06 -0.87 -20.99
N VAL A 219 0.64 -2.15 -21.15
CA VAL A 219 -0.78 -2.55 -21.12
C VAL A 219 -0.98 -3.79 -20.27
N ILE A 220 -2.07 -3.80 -19.46
CA ILE A 220 -2.45 -4.99 -18.70
C ILE A 220 -3.99 -5.14 -18.80
N THR A 221 -4.45 -6.33 -19.18
CA THR A 221 -5.87 -6.66 -19.24
C THR A 221 -6.05 -7.85 -18.32
N LEU A 222 -6.96 -7.76 -17.36
CA LEU A 222 -7.19 -8.82 -16.40
C LEU A 222 -8.68 -9.15 -16.27
N ASP A 223 -9.05 -10.43 -16.42
CA ASP A 223 -10.40 -10.93 -16.18
C ASP A 223 -10.45 -11.50 -14.74
N TYR A 224 -11.56 -11.27 -14.05
CA TYR A 224 -11.76 -11.75 -12.68
C TYR A 224 -12.86 -12.84 -12.78
N ARG A 225 -12.51 -14.09 -12.51
CA ARG A 225 -13.45 -15.20 -12.66
C ARG A 225 -14.03 -15.64 -11.33
N ARG A 226 -13.18 -15.67 -10.30
CA ARG A 226 -13.53 -16.14 -8.98
C ARG A 226 -12.65 -15.42 -7.98
N GLU A 227 -13.12 -15.28 -6.79
CA GLU A 227 -12.43 -14.62 -5.70
C GLU A 227 -11.45 -15.55 -4.96
N CYS A 228 -10.31 -15.00 -4.49
CA CYS A 228 -9.40 -15.75 -3.64
C CYS A 228 -9.92 -15.46 -2.24
N GLN A 229 -10.22 -16.49 -1.46
CA GLN A 229 -10.67 -16.29 -0.09
C GLN A 229 -9.46 -15.94 0.77
N GLN A 230 -9.70 -15.39 1.97
CA GLN A 230 -8.63 -15.02 2.90
C GLN A 230 -7.72 -16.20 3.26
N ASP A 231 -8.25 -17.44 3.26
CA ASP A 231 -7.45 -18.61 3.58
C ASP A 231 -7.07 -19.49 2.35
N ASP A 232 -7.13 -18.92 1.14
CA ASP A 232 -6.76 -19.65 -0.08
C ASP A 232 -5.25 -19.42 -0.41
N VAL A 233 -4.68 -20.28 -1.27
CA VAL A 233 -3.28 -20.18 -1.73
C VAL A 233 -3.30 -20.17 -3.26
N VAL A 234 -2.55 -19.27 -3.87
CA VAL A 234 -2.57 -19.07 -5.33
C VAL A 234 -1.25 -19.35 -6.01
N ASP A 235 -1.33 -19.86 -7.26
CA ASP A 235 -0.18 -20.07 -8.11
C ASP A 235 -0.33 -19.09 -9.29
N SER A 236 0.74 -18.36 -9.63
CA SER A 236 0.75 -17.38 -10.73
C SER A 236 1.58 -17.97 -11.90
N LEU A 237 0.97 -18.11 -13.06
CA LEU A 237 1.60 -18.73 -14.22
C LEU A 237 1.67 -17.72 -15.37
N THR A 238 2.79 -17.72 -16.12
CA THR A 238 3.06 -16.83 -17.23
C THR A 238 3.82 -17.55 -18.37
N THR A 239 3.41 -17.29 -19.63
CA THR A 239 4.06 -17.80 -20.83
C THR A 239 4.21 -16.65 -21.82
N THR A 240 5.41 -16.50 -22.42
CA THR A 240 5.67 -15.47 -23.43
C THR A 240 4.88 -15.79 -24.70
N THR A 241 4.11 -14.84 -25.25
CA THR A 241 3.37 -15.09 -26.49
C THR A 241 3.91 -14.32 -27.71
N SER A 242 4.85 -13.41 -27.50
CA SER A 242 5.44 -12.66 -28.62
C SER A 242 6.48 -13.49 -29.38
N ASN A 259 10.83 -5.59 -30.61
CA ASN A 259 11.22 -4.99 -29.33
C ASN A 259 10.17 -5.20 -28.22
N ASP A 260 8.87 -5.24 -28.55
CA ASP A 260 7.85 -5.43 -27.52
C ASP A 260 7.76 -6.90 -27.06
N SER A 261 7.43 -7.12 -25.79
CA SER A 261 7.26 -8.47 -25.25
C SER A 261 5.79 -8.58 -24.76
N GLN A 262 5.11 -9.68 -25.08
CA GLN A 262 3.74 -9.95 -24.64
C GLN A 262 3.72 -11.27 -23.89
N PHE A 263 2.83 -11.39 -22.91
CA PHE A 263 2.72 -12.57 -22.04
C PHE A 263 1.25 -12.93 -21.81
N LEU A 264 0.98 -14.20 -21.59
CA LEU A 264 -0.33 -14.71 -21.22
C LEU A 264 -0.20 -15.12 -19.76
N HIS A 265 -1.21 -14.81 -18.96
CA HIS A 265 -1.18 -15.04 -17.52
C HIS A 265 -2.37 -15.86 -17.04
N LEU A 266 -2.18 -16.60 -15.95
CA LEU A 266 -3.20 -17.40 -15.30
C LEU A 266 -2.92 -17.46 -13.79
N LEU A 267 -3.93 -17.15 -12.96
CA LEU A 267 -3.87 -17.31 -11.51
C LEU A 267 -4.87 -18.42 -11.21
N ARG A 268 -4.44 -19.41 -10.43
CA ARG A 268 -5.32 -20.52 -10.07
C ARG A 268 -5.03 -20.98 -8.65
N LEU A 269 -6.02 -21.60 -8.00
CA LEU A 269 -5.83 -22.09 -6.62
C LEU A 269 -4.77 -23.20 -6.62
N SER A 270 -3.85 -23.13 -5.67
CA SER A 270 -2.69 -24.00 -5.51
C SER A 270 -2.99 -25.49 -5.47
N GLY A 271 -4.12 -25.82 -4.88
CA GLY A 271 -4.51 -27.21 -4.73
C GLY A 271 -5.14 -27.80 -5.96
N ASP A 272 -6.44 -27.56 -6.12
CA ASP A 272 -7.19 -28.17 -7.20
C ASP A 272 -7.03 -27.48 -8.57
N GLY A 273 -6.33 -26.34 -8.63
CA GLY A 273 -6.12 -25.66 -9.90
C GLY A 273 -7.32 -24.90 -10.45
N GLN A 274 -8.30 -24.57 -9.61
CA GLN A 274 -9.45 -23.75 -9.98
C GLN A 274 -9.00 -22.33 -10.44
N GLU A 275 -9.43 -21.88 -11.63
CA GLU A 275 -9.06 -20.58 -12.18
C GLU A 275 -9.66 -19.42 -11.36
N ILE A 276 -8.84 -18.41 -11.00
CA ILE A 276 -9.38 -17.24 -10.33
C ILE A 276 -9.29 -16.01 -11.27
N ASN A 277 -8.24 -15.91 -12.11
CA ASN A 277 -8.05 -14.82 -13.08
C ASN A 277 -7.25 -15.31 -14.30
N ARG A 278 -7.42 -14.61 -15.42
CA ARG A 278 -6.60 -14.75 -16.61
C ARG A 278 -6.31 -13.35 -17.13
N GLY A 279 -5.16 -13.17 -17.77
CA GLY A 279 -4.83 -11.85 -18.31
C GLY A 279 -3.71 -11.87 -19.31
N THR A 280 -3.42 -10.68 -19.85
CA THR A 280 -2.33 -10.47 -20.79
C THR A 280 -1.58 -9.19 -20.40
N THR A 281 -0.27 -9.13 -20.66
CA THR A 281 0.51 -7.91 -20.47
C THR A 281 1.36 -7.61 -21.73
N LEU A 282 1.58 -6.34 -22.03
CA LEU A 282 2.42 -5.90 -23.14
C LEU A 282 3.49 -4.97 -22.53
N TRP A 283 4.75 -5.23 -22.84
CA TRP A 283 5.89 -4.52 -22.26
C TRP A 283 6.76 -3.91 -23.37
N ARG A 284 7.18 -2.64 -23.21
CA ARG A 284 8.06 -2.04 -24.22
C ARG A 284 9.48 -1.95 -23.67
N LYS A 285 10.47 -2.17 -24.52
CA LYS A 285 11.88 -2.11 -24.10
C LYS A 285 12.21 -0.67 -23.68
N LYS A 286 12.90 -0.51 -22.55
CA LYS A 286 13.26 0.81 -22.04
C LYS A 286 14.18 1.56 -23.01
N GLY B 2 3.16 19.67 2.27
CA GLY B 2 3.90 19.71 3.51
C GLY B 2 4.87 20.88 3.56
N SER B 3 5.39 21.19 4.77
CA SER B 3 6.32 22.29 4.90
C SER B 3 7.10 22.21 6.18
N LEU B 4 8.34 22.74 6.16
CA LEU B 4 9.12 22.91 7.39
C LEU B 4 8.36 23.98 8.22
N THR B 5 8.38 23.85 9.55
CA THR B 5 7.74 24.81 10.43
C THR B 5 8.54 26.14 10.42
N GLU B 6 8.04 27.17 11.11
CA GLU B 6 8.69 28.49 11.15
C GLU B 6 10.20 28.47 11.51
N ASP B 7 10.58 27.76 12.58
CA ASP B 7 11.98 27.71 13.01
C ASP B 7 12.87 26.78 12.12
N GLY B 8 12.27 26.07 11.15
CA GLY B 8 12.97 25.18 10.25
C GLY B 8 13.53 23.93 10.91
N LEU B 9 13.09 23.61 12.15
CA LEU B 9 13.61 22.45 12.89
C LEU B 9 12.66 21.24 12.96
N SER B 10 11.52 21.31 12.27
CA SER B 10 10.56 20.21 12.16
C SER B 10 9.74 20.36 10.87
N TYR B 11 8.99 19.32 10.51
CA TYR B 11 8.24 19.31 9.26
C TYR B 11 6.83 18.80 9.51
N LYS B 12 5.83 19.43 8.86
CA LYS B 12 4.42 19.06 9.02
C LYS B 12 3.80 18.74 7.70
N GLU B 13 2.89 17.79 7.68
CA GLU B 13 2.19 17.41 6.45
C GLU B 13 0.82 16.83 6.78
N LYS B 14 -0.17 17.13 5.94
CA LYS B 14 -1.53 16.63 6.10
C LYS B 14 -1.81 15.53 5.07
N PHE B 15 -2.62 14.54 5.48
CA PHE B 15 -2.99 13.41 4.64
C PHE B 15 -4.49 13.15 4.80
N VAL B 16 -5.17 12.86 3.70
CA VAL B 16 -6.58 12.48 3.76
C VAL B 16 -6.57 10.94 3.67
N VAL B 17 -7.13 10.25 4.68
CA VAL B 17 -7.17 8.78 4.68
C VAL B 17 -7.99 8.21 3.50
N ARG B 18 -7.36 7.33 2.70
CA ARG B 18 -7.98 6.74 1.51
C ARG B 18 -8.81 5.49 1.77
N SER B 19 -9.71 5.13 0.83
CA SER B 19 -10.58 3.97 0.95
C SER B 19 -9.83 2.65 1.13
N TYR B 20 -8.73 2.45 0.37
CA TYR B 20 -7.93 1.20 0.46
C TYR B 20 -6.95 1.17 1.66
N GLU B 21 -6.84 2.26 2.38
CA GLU B 21 -5.96 2.39 3.54
C GLU B 21 -6.62 1.97 4.88
N VAL B 22 -7.95 1.68 4.87
CA VAL B 22 -8.66 1.35 6.11
C VAL B 22 -8.97 -0.14 6.25
N GLY B 23 -9.13 -0.58 7.50
CA GLY B 23 -9.48 -1.96 7.82
C GLY B 23 -10.97 -2.13 8.08
N SER B 24 -11.34 -3.24 8.77
CA SER B 24 -12.73 -3.61 9.07
C SER B 24 -13.52 -2.59 9.90
N ASN B 25 -12.83 -1.76 10.67
CA ASN B 25 -13.40 -0.69 11.48
C ASN B 25 -13.60 0.65 10.70
N LYS B 26 -13.30 0.66 9.38
CA LYS B 26 -13.35 1.85 8.54
C LYS B 26 -12.42 2.96 9.05
N THR B 27 -11.32 2.57 9.74
CA THR B 27 -10.28 3.50 10.20
C THR B 27 -8.93 3.00 9.68
N ALA B 28 -7.93 3.89 9.56
CA ALA B 28 -6.63 3.54 8.99
C ALA B 28 -5.96 2.40 9.72
N THR B 29 -5.31 1.48 8.97
CA THR B 29 -4.57 0.39 9.61
C THR B 29 -3.25 0.97 10.19
N VAL B 30 -2.59 0.20 11.09
CA VAL B 30 -1.29 0.62 11.63
C VAL B 30 -0.22 0.63 10.51
N GLU B 31 -0.37 -0.26 9.50
CA GLU B 31 0.54 -0.25 8.35
C GLU B 31 0.36 1.04 7.53
N THR B 32 -0.89 1.52 7.33
CA THR B 32 -1.10 2.81 6.66
C THR B 32 -0.41 3.93 7.48
N ILE B 33 -0.62 3.95 8.81
CA ILE B 33 0.03 4.94 9.67
C ILE B 33 1.56 4.93 9.49
N ALA B 34 2.17 3.74 9.60
CA ALA B 34 3.62 3.55 9.45
C ALA B 34 4.11 4.05 8.06
N ASN B 35 3.33 3.80 6.98
CA ASN B 35 3.69 4.30 5.64
C ASN B 35 3.66 5.85 5.64
N LEU B 36 2.65 6.48 6.26
CA LEU B 36 2.56 7.94 6.32
C LEU B 36 3.74 8.51 7.14
N LEU B 37 4.16 7.80 8.22
CA LEU B 37 5.31 8.26 9.03
C LEU B 37 6.56 8.29 8.15
N GLN B 38 6.75 7.24 7.32
CA GLN B 38 7.87 7.11 6.41
C GLN B 38 7.83 8.25 5.36
N GLU B 39 6.65 8.49 4.78
CA GLU B 39 6.43 9.54 3.78
C GLU B 39 6.77 10.94 4.32
N VAL B 40 6.33 11.25 5.54
CA VAL B 40 6.62 12.56 6.12
C VAL B 40 8.13 12.66 6.47
N GLY B 41 8.76 11.56 6.86
CA GLY B 41 10.21 11.56 7.12
C GLY B 41 10.99 11.84 5.84
N CYS B 42 10.55 11.23 4.72
N CYS B 42 10.55 11.23 4.74
N CYS B 42 10.56 11.22 4.71
CA CYS B 42 11.17 11.42 3.41
CA CYS B 42 11.16 11.41 3.44
CA CYS B 42 11.17 11.42 3.41
C CYS B 42 11.02 12.87 2.93
C CYS B 42 11.01 12.86 2.94
C CYS B 42 11.02 12.87 2.93
N ASN B 43 9.83 13.46 3.13
CA ASN B 43 9.58 14.86 2.71
C ASN B 43 10.41 15.86 3.56
N HIS B 44 10.63 15.55 4.85
CA HIS B 44 11.47 16.36 5.73
C HIS B 44 12.94 16.33 5.19
N ALA B 45 13.50 15.13 4.90
CA ALA B 45 14.86 15.00 4.36
C ALA B 45 15.03 15.77 3.03
N GLN B 46 14.02 15.68 2.14
CA GLN B 46 14.07 16.38 0.88
C GLN B 46 14.06 17.92 1.08
N SER B 47 13.26 18.38 2.02
CA SER B 47 13.13 19.80 2.31
C SER B 47 14.45 20.44 2.78
N VAL B 48 15.37 19.65 3.35
CA VAL B 48 16.64 20.20 3.82
C VAL B 48 17.86 19.74 2.99
N GLY B 49 17.64 19.12 1.84
CA GLY B 49 18.72 18.73 0.94
C GLY B 49 19.37 17.37 1.11
N PHE B 50 18.79 16.50 1.94
CA PHE B 50 19.36 15.17 2.12
C PHE B 50 18.88 14.20 1.07
N SER B 51 19.47 12.98 1.01
CA SER B 51 19.06 11.99 0.02
C SER B 51 17.59 11.63 0.12
N THR B 52 17.10 11.18 -1.01
CA THR B 52 15.75 10.83 -1.31
C THR B 52 15.39 9.40 -0.83
N ASP B 53 16.09 8.37 -1.35
CA ASP B 53 15.99 6.90 -1.25
C ASP B 53 15.65 6.18 0.10
N GLY B 54 15.32 6.89 1.17
CA GLY B 54 15.03 6.25 2.45
C GLY B 54 16.21 6.13 3.39
N PHE B 55 17.42 6.37 2.88
CA PHE B 55 18.64 6.29 3.67
C PHE B 55 19.10 7.64 4.25
N ALA B 56 18.44 8.76 3.86
CA ALA B 56 18.67 10.13 4.32
C ALA B 56 20.16 10.51 4.47
N THR B 57 20.96 10.17 3.45
CA THR B 57 22.39 10.39 3.47
C THR B 57 22.83 11.81 3.20
N THR B 58 23.91 12.21 3.87
CA THR B 58 24.55 13.50 3.64
C THR B 58 25.70 13.32 2.62
N THR B 59 26.33 14.42 2.19
CA THR B 59 27.39 14.40 1.19
C THR B 59 28.57 13.51 1.59
N THR B 60 28.99 13.55 2.85
CA THR B 60 30.11 12.73 3.32
C THR B 60 29.74 11.24 3.43
N MET B 61 28.49 10.95 3.83
CA MET B 61 28.00 9.58 3.92
C MET B 61 28.02 8.91 2.55
N ARG B 62 27.61 9.63 1.50
CA ARG B 62 27.56 9.09 0.14
C ARG B 62 28.95 8.65 -0.36
N LYS B 63 29.98 9.46 -0.08
CA LYS B 63 31.34 9.16 -0.50
C LYS B 63 31.87 7.94 0.26
N LEU B 64 31.54 7.83 1.55
CA LEU B 64 31.99 6.70 2.37
C LEU B 64 31.10 5.44 2.27
N HIS B 65 30.05 5.48 1.42
CA HIS B 65 29.11 4.38 1.26
C HIS B 65 28.39 4.06 2.59
N LEU B 66 28.01 5.10 3.34
CA LEU B 66 27.29 4.95 4.59
C LEU B 66 25.80 5.25 4.42
N ILE B 67 24.95 4.52 5.16
CA ILE B 67 23.49 4.71 5.14
C ILE B 67 22.92 4.67 6.56
N TRP B 68 21.72 5.25 6.73
CA TRP B 68 20.98 5.17 7.98
C TRP B 68 20.06 3.97 7.87
N VAL B 69 20.02 3.12 8.90
CA VAL B 69 19.15 1.95 8.95
C VAL B 69 18.35 1.95 10.27
N THR B 70 17.06 1.56 10.22
CA THR B 70 16.25 1.51 11.44
C THR B 70 16.64 0.35 12.34
N ALA B 71 16.83 0.64 13.62
CA ALA B 71 17.12 -0.36 14.62
C ALA B 71 15.86 -0.70 15.43
N ARG B 72 14.97 0.29 15.63
CA ARG B 72 13.78 0.09 16.42
C ARG B 72 12.73 1.12 16.03
N MET B 73 11.45 0.69 16.03
CA MET B 73 10.27 1.52 15.75
C MET B 73 9.29 1.30 16.93
N HIS B 74 8.72 2.38 17.47
CA HIS B 74 7.75 2.30 18.57
C HIS B 74 6.61 3.25 18.22
N ILE B 75 5.37 2.74 18.14
CA ILE B 75 4.21 3.55 17.78
C ILE B 75 3.09 3.35 18.80
N GLU B 76 2.44 4.44 19.24
N GLU B 76 2.44 4.45 19.24
N GLU B 76 2.43 4.45 19.21
CA GLU B 76 1.28 4.38 20.10
CA GLU B 76 1.30 4.40 20.15
CA GLU B 76 1.29 4.41 20.11
C GLU B 76 0.14 5.16 19.46
C GLU B 76 0.14 5.18 19.50
C GLU B 76 0.14 5.18 19.46
N ILE B 77 -1.01 4.52 19.24
CA ILE B 77 -2.17 5.15 18.63
C ILE B 77 -3.33 5.22 19.64
N TYR B 78 -3.87 6.42 19.86
CA TYR B 78 -5.02 6.64 20.74
C TYR B 78 -6.31 6.53 19.94
N LYS B 79 -6.33 7.09 18.72
CA LYS B 79 -7.47 6.98 17.83
C LYS B 79 -6.95 6.87 16.40
N TYR B 80 -7.42 5.86 15.68
CA TYR B 80 -7.08 5.67 14.28
C TYR B 80 -7.99 6.59 13.47
N PRO B 81 -7.43 7.34 12.50
CA PRO B 81 -8.27 8.28 11.73
C PRO B 81 -9.19 7.51 10.81
N ALA B 82 -10.42 7.98 10.70
CA ALA B 82 -11.40 7.35 9.85
C ALA B 82 -11.14 7.69 8.39
N TRP B 83 -11.69 6.86 7.50
CA TRP B 83 -11.67 7.07 6.08
C TRP B 83 -12.27 8.47 5.73
N GLY B 84 -11.52 9.27 4.99
CA GLY B 84 -11.94 10.63 4.65
C GLY B 84 -11.46 11.69 5.63
N ASP B 85 -10.98 11.28 6.82
CA ASP B 85 -10.47 12.24 7.82
C ASP B 85 -9.11 12.80 7.41
N VAL B 86 -8.79 14.00 7.89
CA VAL B 86 -7.51 14.62 7.61
C VAL B 86 -6.66 14.46 8.86
N VAL B 87 -5.48 13.85 8.72
CA VAL B 87 -4.56 13.69 9.83
C VAL B 87 -3.32 14.60 9.59
N GLU B 88 -2.86 15.33 10.62
CA GLU B 88 -1.65 16.14 10.44
C GLU B 88 -0.51 15.47 11.20
N ILE B 89 0.65 15.31 10.55
CA ILE B 89 1.79 14.67 11.18
C ILE B 89 2.98 15.60 11.24
N GLU B 90 3.55 15.78 12.43
CA GLU B 90 4.74 16.61 12.60
C GLU B 90 5.90 15.67 12.94
N THR B 91 7.07 15.87 12.30
CA THR B 91 8.26 15.05 12.52
C THR B 91 9.53 15.89 12.72
N TRP B 92 10.45 15.34 13.49
CA TRP B 92 11.73 15.96 13.72
C TRP B 92 12.78 14.91 14.03
N CYS B 93 14.05 15.27 13.87
N CYS B 93 14.05 15.28 13.91
N CYS B 93 14.06 15.26 13.86
CA CYS B 93 15.18 14.36 14.08
CA CYS B 93 15.18 14.41 14.16
CA CYS B 93 15.17 14.35 14.10
C CYS B 93 16.11 14.93 15.18
C CYS B 93 16.03 14.94 15.29
C CYS B 93 16.10 14.92 15.17
N GLN B 94 16.72 14.04 15.97
CA GLN B 94 17.65 14.44 17.02
C GLN B 94 18.83 13.48 17.03
N SER B 95 20.07 13.98 17.21
CA SER B 95 21.21 13.07 17.27
C SER B 95 21.30 12.51 18.70
N GLU B 96 21.73 11.27 18.83
CA GLU B 96 21.93 10.65 20.14
C GLU B 96 23.42 10.37 20.30
N GLY B 97 24.22 11.42 20.12
CA GLY B 97 25.67 11.32 20.20
C GLY B 97 26.22 10.50 19.06
N ARG B 98 27.11 9.56 19.39
CA ARG B 98 27.71 8.67 18.39
C ARG B 98 26.90 7.38 18.19
N ILE B 99 25.88 7.11 19.06
CA ILE B 99 25.02 5.94 18.97
C ILE B 99 24.27 5.91 17.62
N GLY B 100 23.72 7.05 17.23
CA GLY B 100 22.94 7.20 16.00
C GLY B 100 22.01 8.39 16.08
N THR B 101 20.89 8.32 15.40
CA THR B 101 19.90 9.38 15.39
C THR B 101 18.53 8.84 15.79
N ARG B 102 17.63 9.74 16.14
CA ARG B 102 16.28 9.38 16.49
C ARG B 102 15.32 10.23 15.65
N ARG B 103 14.26 9.64 15.07
CA ARG B 103 13.25 10.44 14.40
C ARG B 103 11.98 10.23 15.20
N ASP B 104 11.30 11.33 15.58
CA ASP B 104 10.04 11.30 16.32
C ASP B 104 8.89 11.87 15.49
N TRP B 105 7.63 11.48 15.83
CA TRP B 105 6.44 11.97 15.16
C TRP B 105 5.30 12.19 16.14
N ILE B 106 4.44 13.18 15.85
CA ILE B 106 3.21 13.44 16.59
C ILE B 106 2.08 13.45 15.56
N LEU B 107 1.02 12.69 15.79
CA LEU B 107 -0.12 12.65 14.87
C LEU B 107 -1.29 13.38 15.53
N LYS B 108 -1.98 14.23 14.76
CA LYS B 108 -3.11 14.98 15.27
C LYS B 108 -4.33 14.91 14.34
N ASP B 109 -5.51 15.03 14.94
CA ASP B 109 -6.76 15.16 14.22
C ASP B 109 -6.73 16.63 13.74
N SER B 110 -6.80 16.86 12.43
CA SER B 110 -6.70 18.21 11.88
C SER B 110 -7.83 19.15 12.31
N VAL B 111 -9.04 18.60 12.49
CA VAL B 111 -10.20 19.37 12.87
C VAL B 111 -10.17 19.76 14.35
N THR B 112 -9.98 18.80 15.25
CA THR B 112 -9.99 19.09 16.68
C THR B 112 -8.65 19.60 17.25
N GLY B 113 -7.55 19.30 16.56
CA GLY B 113 -6.21 19.64 17.05
C GLY B 113 -5.70 18.68 18.12
N GLU B 114 -6.46 17.62 18.45
CA GLU B 114 -6.10 16.64 19.48
C GLU B 114 -5.01 15.66 19.03
N VAL B 115 -4.09 15.29 19.95
CA VAL B 115 -3.05 14.31 19.65
C VAL B 115 -3.69 12.92 19.59
N THR B 116 -3.67 12.30 18.43
CA THR B 116 -4.24 10.96 18.21
C THR B 116 -3.22 9.82 18.22
N GLY B 117 -1.94 10.15 18.13
CA GLY B 117 -0.87 9.18 18.14
C GLY B 117 0.52 9.79 18.25
N ARG B 118 1.51 8.95 18.54
N ARG B 118 1.51 8.95 18.55
N ARG B 118 1.51 8.94 18.50
CA ARG B 118 2.91 9.37 18.62
CA ARG B 118 2.91 9.37 18.64
CA ARG B 118 2.91 9.36 18.57
C ARG B 118 3.83 8.20 18.30
C ARG B 118 3.83 8.20 18.29
C ARG B 118 3.82 8.20 18.25
N ALA B 119 5.01 8.50 17.75
CA ALA B 119 5.96 7.46 17.39
C ALA B 119 7.39 7.94 17.53
N THR B 120 8.31 6.98 17.72
CA THR B 120 9.74 7.24 17.83
C THR B 120 10.51 6.10 17.16
N SER B 121 11.66 6.42 16.57
CA SER B 121 12.46 5.40 15.90
C SER B 121 13.94 5.69 16.12
N LYS B 122 14.74 4.63 16.30
CA LYS B 122 16.18 4.68 16.49
C LYS B 122 16.83 4.21 15.18
N TRP B 123 17.77 4.98 14.69
CA TRP B 123 18.50 4.73 13.45
C TRP B 123 20.00 4.63 13.75
N VAL B 124 20.69 3.71 13.06
CA VAL B 124 22.12 3.50 13.22
C VAL B 124 22.82 3.62 11.86
N MET B 125 24.09 4.01 11.85
CA MET B 125 24.86 4.14 10.62
C MET B 125 25.47 2.79 10.26
N MET B 126 25.45 2.46 8.99
CA MET B 126 25.98 1.19 8.50
C MET B 126 26.62 1.40 7.13
N ASN B 127 27.72 0.69 6.84
CA ASN B 127 28.31 0.72 5.50
C ASN B 127 27.37 -0.13 4.65
N GLN B 128 26.87 0.40 3.52
CA GLN B 128 25.87 -0.28 2.69
C GLN B 128 26.33 -1.60 2.03
N ASP B 129 27.65 -1.72 1.83
CA ASP B 129 28.30 -2.86 1.18
C ASP B 129 28.68 -3.97 2.18
N THR B 130 29.44 -3.65 3.24
CA THR B 130 29.82 -4.67 4.22
C THR B 130 28.74 -4.99 5.26
N ARG B 131 27.74 -4.08 5.40
CA ARG B 131 26.65 -4.12 6.38
C ARG B 131 27.20 -4.03 7.82
N ARG B 132 28.38 -3.40 8.01
CA ARG B 132 28.98 -3.28 9.33
C ARG B 132 28.53 -1.98 9.97
N LEU B 133 28.02 -2.09 11.20
CA LEU B 133 27.56 -0.93 11.97
C LEU B 133 28.76 -0.10 12.38
N GLN B 134 28.55 1.19 12.61
CA GLN B 134 29.61 2.06 13.08
C GLN B 134 29.07 3.27 13.80
N LYS B 135 29.82 3.79 14.77
CA LYS B 135 29.44 4.99 15.49
C LYS B 135 29.46 6.19 14.53
N VAL B 136 28.75 7.27 14.89
CA VAL B 136 28.70 8.45 14.05
C VAL B 136 29.93 9.32 14.28
N SER B 137 30.63 9.70 13.21
CA SER B 137 31.81 10.55 13.30
C SER B 137 31.42 12.03 13.49
N ASP B 138 32.39 12.89 13.86
CA ASP B 138 32.14 14.32 14.02
C ASP B 138 31.82 14.98 12.69
N ASP B 139 32.58 14.65 11.62
CA ASP B 139 32.39 15.22 10.27
C ASP B 139 30.98 15.00 9.73
N VAL B 140 30.41 13.79 9.90
CA VAL B 140 29.06 13.47 9.44
C VAL B 140 28.05 14.22 10.30
N ARG B 141 28.27 14.23 11.63
CA ARG B 141 27.42 14.88 12.62
C ARG B 141 27.18 16.39 12.36
N ASP B 142 28.23 17.22 12.20
CA ASP B 142 28.02 18.67 12.02
C ASP B 142 27.17 19.00 10.81
N GLU B 143 27.21 18.15 9.76
CA GLU B 143 26.41 18.34 8.55
C GLU B 143 24.93 18.25 8.81
N TYR B 144 24.49 17.49 9.84
CA TYR B 144 23.04 17.39 10.09
C TYR B 144 22.60 17.96 11.44
N LEU B 145 23.53 18.44 12.29
CA LEU B 145 23.15 19.04 13.56
C LEU B 145 22.35 20.36 13.38
N VAL B 146 22.62 21.08 12.29
CA VAL B 146 21.92 22.33 11.99
C VAL B 146 20.44 22.15 11.57
N PHE B 147 19.99 20.90 11.38
CA PHE B 147 18.59 20.63 11.03
C PHE B 147 17.80 20.02 12.20
N CYS B 148 18.44 19.82 13.37
CA CYS B 148 17.91 19.22 14.57
C CYS B 148 17.78 20.27 15.67
N PRO B 149 16.72 20.20 16.51
CA PRO B 149 16.64 21.12 17.64
C PRO B 149 17.79 20.84 18.63
N GLN B 150 18.36 21.88 19.24
CA GLN B 150 19.51 21.69 20.13
C GLN B 150 19.08 21.23 21.55
N GLU B 151 17.91 21.69 22.02
CA GLU B 151 17.37 21.23 23.31
C GLU B 151 16.55 19.94 23.06
N PRO B 152 16.50 18.99 24.01
CA PRO B 152 15.77 17.74 23.75
C PRO B 152 14.27 17.93 23.54
N ARG B 153 13.74 17.29 22.51
CA ARG B 153 12.32 17.32 22.19
C ARG B 153 11.93 15.85 21.98
N LEU B 154 11.11 15.29 22.88
CA LEU B 154 10.76 13.89 22.82
C LEU B 154 9.28 13.67 22.59
N ALA B 155 8.92 12.74 21.68
CA ALA B 155 7.53 12.33 21.55
C ALA B 155 7.13 11.51 22.80
N PHE B 156 8.07 10.80 23.40
CA PHE B 156 7.83 9.99 24.59
C PHE B 156 8.75 10.53 25.68
N PRO B 157 8.34 11.64 26.32
CA PRO B 157 9.19 12.20 27.37
C PRO B 157 9.22 11.40 28.67
N GLU B 158 8.06 10.93 29.15
CA GLU B 158 7.87 10.16 30.40
C GLU B 158 9.04 9.25 30.79
N GLU B 159 9.37 9.23 32.10
CA GLU B 159 10.45 8.37 32.58
C GLU B 159 10.00 6.91 32.53
N ASN B 160 10.92 6.02 32.09
CA ASN B 160 10.68 4.59 31.93
C ASN B 160 9.49 4.33 31.02
N ASN B 161 9.43 5.04 29.89
CA ASN B 161 8.33 4.87 28.94
C ASN B 161 8.53 3.57 28.12
N ARG B 162 7.46 3.08 27.49
CA ARG B 162 7.47 1.82 26.71
C ARG B 162 8.43 1.80 25.52
N SER B 163 8.85 2.97 25.00
CA SER B 163 9.72 3.01 23.83
C SER B 163 11.15 2.56 24.07
N LEU B 164 11.56 2.41 25.34
CA LEU B 164 12.94 2.01 25.65
C LEU B 164 13.06 0.67 26.40
N LYS B 165 11.96 -0.09 26.51
CA LYS B 165 12.00 -1.36 27.23
C LYS B 165 12.70 -2.45 26.40
N LYS B 166 13.52 -3.29 27.05
CA LYS B 166 14.23 -4.39 26.39
C LYS B 166 13.21 -5.48 26.00
N ILE B 167 13.36 -6.11 24.81
CA ILE B 167 12.43 -7.15 24.36
C ILE B 167 13.09 -8.52 24.42
N PRO B 168 12.50 -9.49 25.14
CA PRO B 168 13.11 -10.82 25.23
C PRO B 168 12.88 -11.67 23.97
N LYS B 169 13.56 -12.81 23.89
CA LYS B 169 13.42 -13.68 22.72
C LYS B 169 12.37 -14.74 23.02
N LEU B 170 11.34 -14.84 22.18
CA LEU B 170 10.26 -15.83 22.34
C LEU B 170 10.87 -17.26 22.33
N GLU B 171 10.45 -18.11 23.26
CA GLU B 171 10.98 -19.48 23.30
C GLU B 171 10.00 -20.47 22.64
N ASP B 172 10.51 -21.46 21.89
CA ASP B 172 9.63 -22.47 21.27
C ASP B 172 9.04 -23.37 22.39
N PRO B 173 7.79 -23.85 22.25
CA PRO B 173 6.84 -23.61 21.15
C PRO B 173 6.08 -22.28 21.27
N ALA B 174 5.83 -21.61 20.13
CA ALA B 174 5.05 -20.38 20.12
C ALA B 174 3.55 -20.76 20.32
N GLN B 175 2.74 -19.86 20.88
CA GLN B 175 1.32 -20.16 21.05
C GLN B 175 0.60 -20.11 19.70
N TYR B 176 0.97 -19.13 18.85
CA TYR B 176 0.40 -18.92 17.50
C TYR B 176 1.53 -18.73 16.47
N SER B 177 1.28 -19.10 15.22
CA SER B 177 2.26 -18.92 14.17
C SER B 177 1.60 -18.78 12.79
N MET B 178 2.29 -18.09 11.89
CA MET B 178 1.91 -17.95 10.50
C MET B 178 3.21 -18.26 9.74
N ILE B 179 3.22 -19.33 8.96
CA ILE B 179 4.45 -19.79 8.33
C ILE B 179 4.53 -19.51 6.84
N GLY B 180 5.75 -19.45 6.32
CA GLY B 180 5.95 -19.32 4.89
C GLY B 180 5.59 -17.99 4.26
N LEU B 181 5.69 -16.89 5.01
CA LEU B 181 5.43 -15.54 4.51
C LEU B 181 6.56 -15.11 3.55
N LYS B 182 6.21 -14.58 2.36
CA LYS B 182 7.20 -14.18 1.36
C LYS B 182 6.85 -12.79 0.84
N PRO B 183 7.85 -11.91 0.63
CA PRO B 183 7.54 -10.61 0.04
C PRO B 183 7.27 -10.70 -1.46
N ARG B 184 6.44 -9.81 -1.98
CA ARG B 184 6.23 -9.73 -3.44
C ARG B 184 6.79 -8.32 -3.86
N ARG B 185 6.81 -7.99 -5.16
CA ARG B 185 7.38 -6.72 -5.62
C ARG B 185 6.79 -5.48 -4.93
N ALA B 186 5.48 -5.48 -4.64
CA ALA B 186 4.82 -4.36 -3.93
C ALA B 186 5.38 -4.15 -2.53
N ASP B 187 6.00 -5.18 -1.91
CA ASP B 187 6.63 -5.03 -0.60
C ASP B 187 8.02 -4.36 -0.66
N LEU B 188 8.57 -4.14 -1.85
CA LEU B 188 9.91 -3.57 -1.98
C LEU B 188 9.86 -2.06 -2.12
N ASP B 189 10.95 -1.39 -1.70
CA ASP B 189 11.13 0.05 -1.89
C ASP B 189 11.84 0.30 -3.25
N MET B 190 12.13 1.58 -3.58
CA MET B 190 12.81 1.94 -4.83
C MET B 190 14.21 1.31 -4.96
N ASN B 191 14.86 0.96 -3.83
CA ASN B 191 16.19 0.30 -3.84
C ASN B 191 16.12 -1.23 -3.87
N GLN B 192 14.92 -1.81 -4.05
CA GLN B 192 14.69 -3.26 -4.10
C GLN B 192 14.94 -3.96 -2.74
N HIS B 193 14.80 -3.23 -1.65
CA HIS B 193 14.89 -3.76 -0.30
C HIS B 193 13.46 -3.88 0.25
N VAL B 194 13.20 -4.86 1.13
CA VAL B 194 11.87 -5.00 1.74
C VAL B 194 11.57 -3.75 2.59
N ASN B 195 10.41 -3.14 2.37
CA ASN B 195 9.99 -1.94 3.09
C ASN B 195 9.83 -2.26 4.58
N ASN B 196 10.34 -1.39 5.45
CA ASN B 196 10.21 -1.56 6.90
C ASN B 196 8.80 -1.88 7.40
N VAL B 197 7.77 -1.32 6.74
CA VAL B 197 6.37 -1.54 7.14
C VAL B 197 5.90 -3.00 6.90
N THR B 198 6.46 -3.68 5.89
CA THR B 198 6.12 -5.09 5.60
C THR B 198 6.38 -5.96 6.85
N TYR B 199 7.46 -5.69 7.59
CA TYR B 199 7.77 -6.48 8.79
C TYR B 199 6.68 -6.33 9.86
N ILE B 200 6.07 -5.09 9.98
CA ILE B 200 4.97 -4.84 10.89
C ILE B 200 3.79 -5.75 10.49
N GLY B 201 3.46 -5.78 9.20
CA GLY B 201 2.39 -6.64 8.70
C GLY B 201 2.64 -8.13 9.01
N TRP B 202 3.88 -8.57 8.80
CA TRP B 202 4.27 -9.97 9.07
C TRP B 202 4.16 -10.31 10.55
N VAL B 203 4.56 -9.38 11.46
CA VAL B 203 4.44 -9.58 12.90
C VAL B 203 2.96 -9.82 13.27
N LEU B 204 2.08 -8.93 12.73
CA LEU B 204 0.66 -8.94 13.00
C LEU B 204 -0.09 -10.14 12.40
N GLU B 205 0.50 -10.82 11.40
CA GLU B 205 -0.12 -11.98 10.79
C GLU B 205 -0.36 -13.14 11.74
N SER B 206 0.47 -13.28 12.78
CA SER B 206 0.29 -14.39 13.72
C SER B 206 -0.64 -14.06 14.91
N ILE B 207 -1.29 -12.88 14.91
CA ILE B 207 -2.25 -12.54 15.97
C ILE B 207 -3.57 -13.22 15.57
N PRO B 208 -4.24 -13.96 16.47
CA PRO B 208 -5.49 -14.62 16.06
C PRO B 208 -6.59 -13.62 15.65
N GLN B 209 -7.39 -13.99 14.66
CA GLN B 209 -8.45 -13.11 14.15
C GLN B 209 -9.44 -12.69 15.25
N GLU B 210 -9.65 -13.52 16.29
CA GLU B 210 -10.55 -13.18 17.40
C GLU B 210 -10.06 -11.96 18.18
N ILE B 211 -8.73 -11.82 18.35
CA ILE B 211 -8.16 -10.65 19.02
C ILE B 211 -8.40 -9.43 18.13
N VAL B 212 -8.13 -9.55 16.82
CA VAL B 212 -8.29 -8.45 15.87
C VAL B 212 -9.75 -7.97 15.77
N ASP B 213 -10.71 -8.90 15.92
CA ASP B 213 -12.15 -8.59 15.88
C ASP B 213 -12.68 -7.93 17.16
N THR B 214 -12.05 -8.20 18.31
CA THR B 214 -12.55 -7.68 19.59
C THR B 214 -11.65 -6.65 20.28
N HIS B 215 -10.47 -6.40 19.72
CA HIS B 215 -9.51 -5.47 20.32
C HIS B 215 -9.00 -4.47 19.28
N GLU B 216 -8.44 -3.35 19.75
CA GLU B 216 -7.77 -2.39 18.87
C GLU B 216 -6.30 -2.35 19.30
N LEU B 217 -5.38 -2.35 18.34
CA LEU B 217 -3.95 -2.26 18.62
C LEU B 217 -3.59 -0.89 19.19
N GLN B 218 -3.03 -0.85 20.40
CA GLN B 218 -2.69 0.42 21.02
C GLN B 218 -1.20 0.76 20.90
N VAL B 219 -0.32 -0.21 21.15
CA VAL B 219 1.14 0.01 21.12
C VAL B 219 1.85 -1.12 20.38
N ILE B 220 2.86 -0.78 19.56
CA ILE B 220 3.71 -1.76 18.91
C ILE B 220 5.16 -1.27 18.98
N THR B 221 6.07 -2.13 19.47
CA THR B 221 7.49 -1.86 19.54
C THR B 221 8.15 -2.98 18.74
N LEU B 222 8.96 -2.63 17.75
CA LEU B 222 9.61 -3.60 16.90
C LEU B 222 11.12 -3.31 16.78
N ASP B 223 11.98 -4.33 17.05
CA ASP B 223 13.42 -4.26 16.83
C ASP B 223 13.72 -4.88 15.47
N TYR B 224 14.66 -4.32 14.73
CA TYR B 224 15.06 -4.80 13.42
C TYR B 224 16.50 -5.34 13.59
N ARG B 225 16.68 -6.65 13.44
CA ARG B 225 17.98 -7.27 13.68
C ARG B 225 18.71 -7.58 12.39
N ARG B 226 17.97 -8.04 11.38
CA ARG B 226 18.52 -8.46 10.10
C ARG B 226 17.43 -8.25 9.04
N GLU B 227 17.83 -8.03 7.79
N GLU B 227 17.83 -7.99 7.79
N GLU B 227 17.84 -8.02 7.79
CA GLU B 227 16.88 -7.83 6.71
CA GLU B 227 16.83 -7.79 6.74
CA GLU B 227 16.88 -7.83 6.71
C GLU B 227 16.42 -9.14 6.10
C GLU B 227 16.43 -9.09 6.05
C GLU B 227 16.42 -9.14 6.10
N CYS B 228 15.20 -9.14 5.56
CA CYS B 228 14.66 -10.29 4.85
C CYS B 228 15.05 -9.94 3.41
N GLN B 229 15.76 -10.85 2.73
CA GLN B 229 16.10 -10.61 1.33
C GLN B 229 14.86 -10.87 0.48
N GLN B 230 14.88 -10.40 -0.78
CA GLN B 230 13.77 -10.58 -1.71
C GLN B 230 13.43 -12.06 -1.92
N ASP B 231 14.42 -12.97 -1.83
CA ASP B 231 14.16 -14.40 -2.02
C ASP B 231 14.14 -15.22 -0.69
N ASP B 232 13.94 -14.54 0.45
CA ASP B 232 13.85 -15.24 1.74
C ASP B 232 12.38 -15.60 2.09
N VAL B 233 12.18 -16.53 3.04
CA VAL B 233 10.85 -16.94 3.52
C VAL B 233 10.83 -16.77 5.04
N VAL B 234 9.77 -16.19 5.58
CA VAL B 234 9.69 -15.85 7.00
C VAL B 234 8.59 -16.59 7.74
N ASP B 235 8.85 -16.88 9.02
CA ASP B 235 7.86 -17.45 9.93
C ASP B 235 7.59 -16.38 11.00
N SER B 236 6.30 -16.11 11.27
CA SER B 236 5.88 -15.12 12.27
C SER B 236 5.34 -15.87 13.50
N LEU B 237 5.92 -15.65 14.67
CA LEU B 237 5.56 -16.36 15.90
C LEU B 237 5.07 -15.36 16.95
N THR B 238 4.03 -15.73 17.72
CA THR B 238 3.40 -14.91 18.74
C THR B 238 2.97 -15.76 19.97
N THR B 239 3.20 -15.22 21.18
CA THR B 239 2.78 -15.84 22.44
C THR B 239 2.17 -14.75 23.32
N THR B 240 1.01 -15.04 23.91
CA THR B 240 0.35 -14.11 24.83
C THR B 240 1.16 -13.98 26.10
N THR B 241 1.46 -12.74 26.54
CA THR B 241 2.20 -12.52 27.80
C THR B 241 1.34 -11.93 28.91
N SER B 242 0.08 -11.54 28.63
CA SER B 242 -0.81 -11.03 29.68
C SER B 242 -1.46 -12.22 30.45
N ASP B 260 -6.77 -5.57 28.98
CA ASP B 260 -5.75 -5.43 27.94
C ASP B 260 -5.08 -6.78 27.62
N SER B 261 -4.66 -6.96 26.37
CA SER B 261 -3.94 -8.18 25.97
C SER B 261 -2.55 -7.75 25.48
N GLN B 262 -1.50 -8.45 25.89
CA GLN B 262 -0.13 -8.19 25.46
C GLN B 262 0.46 -9.46 24.84
N PHE B 263 1.33 -9.30 23.83
CA PHE B 263 1.92 -10.41 23.11
C PHE B 263 3.42 -10.17 22.88
N LEU B 264 4.17 -11.25 22.78
CA LEU B 264 5.58 -11.23 22.43
C LEU B 264 5.66 -11.79 21.02
N HIS B 265 6.48 -11.19 20.16
CA HIS B 265 6.56 -11.56 18.76
C HIS B 265 8.00 -11.88 18.34
N LEU B 266 8.14 -12.74 17.33
CA LEU B 266 9.41 -13.12 16.75
C LEU B 266 9.22 -13.44 15.25
N LEU B 267 10.03 -12.82 14.37
CA LEU B 267 10.06 -13.13 12.95
C LEU B 267 11.43 -13.78 12.73
N ARG B 268 11.46 -14.93 12.06
CA ARG B 268 12.71 -15.62 11.80
C ARG B 268 12.66 -16.28 10.43
N LEU B 269 13.83 -16.53 9.83
CA LEU B 269 13.87 -17.18 8.52
C LEU B 269 13.34 -18.61 8.64
N SER B 270 12.50 -19.02 7.70
CA SER B 270 11.78 -20.29 7.65
C SER B 270 12.65 -21.52 7.74
N GLY B 271 13.83 -21.44 7.16
CA GLY B 271 14.74 -22.57 7.16
C GLY B 271 15.54 -22.73 8.43
N ASP B 272 16.64 -21.99 8.52
CA ASP B 272 17.56 -22.11 9.64
C ASP B 272 17.11 -21.42 10.94
N GLY B 273 16.01 -20.67 10.90
CA GLY B 273 15.51 -20.01 12.11
C GLY B 273 16.27 -18.77 12.58
N GLN B 274 17.05 -18.17 11.67
CA GLN B 274 17.77 -16.92 11.95
C GLN B 274 16.79 -15.76 12.29
N GLU B 275 16.98 -15.07 13.42
CA GLU B 275 16.10 -13.97 13.82
C GLU B 275 16.22 -12.76 12.89
N ILE B 276 15.07 -12.20 12.45
CA ILE B 276 15.10 -10.99 11.67
C ILE B 276 14.51 -9.81 12.47
N ASN B 277 13.49 -10.06 13.33
CA ASN B 277 12.87 -9.04 14.18
C ASN B 277 12.31 -9.68 15.46
N ARG B 278 12.17 -8.88 16.50
CA ARG B 278 11.43 -9.22 17.71
C ARG B 278 10.60 -7.99 18.10
N GLY B 279 9.46 -8.22 18.74
CA GLY B 279 8.60 -7.12 19.15
C GLY B 279 7.57 -7.46 20.17
N THR B 280 6.83 -6.44 20.60
CA THR B 280 5.73 -6.61 21.54
C THR B 280 4.54 -5.77 21.03
N THR B 281 3.32 -6.22 21.32
CA THR B 281 2.11 -5.44 21.02
C THR B 281 1.20 -5.39 22.26
N LEU B 282 0.48 -4.28 22.45
CA LEU B 282 -0.49 -4.11 23.53
C LEU B 282 -1.83 -3.77 22.85
N TRP B 283 -2.90 -4.48 23.21
CA TRP B 283 -4.21 -4.34 22.59
C TRP B 283 -5.28 -4.01 23.65
N ARG B 284 -6.16 -3.06 23.33
CA ARG B 284 -7.23 -2.63 24.22
C ARG B 284 -8.54 -3.29 23.76
N LYS B 285 -9.37 -3.79 24.69
CA LYS B 285 -10.67 -4.36 24.31
C LYS B 285 -11.56 -3.22 23.76
N LYS B 286 -12.23 -3.46 22.63
CA LYS B 286 -13.09 -2.46 22.00
C LYS B 286 -14.24 -2.05 22.93
S SO4 C . -18.51 17.62 -5.33
O1 SO4 C . -17.92 16.33 -5.71
O2 SO4 C . -18.79 18.42 -6.53
O3 SO4 C . -19.75 17.36 -4.58
O4 SO4 C . -17.56 18.36 -4.49
S SO4 D . -19.57 1.10 -10.97
O1 SO4 D . -19.18 0.96 -12.38
O2 SO4 D . -21.01 1.37 -10.87
O3 SO4 D . -19.28 -0.16 -10.26
O4 SO4 D . -18.83 2.22 -10.37
S SO4 E . -15.85 -21.94 -13.71
O1 SO4 E . -14.58 -22.61 -14.00
O2 SO4 E . -16.58 -21.66 -14.96
O3 SO4 E . -16.69 -22.79 -12.84
O4 SO4 E . -15.59 -20.67 -13.00
S SO4 F . 5.40 -1.69 -12.62
O1 SO4 F . 5.42 -3.06 -13.19
O2 SO4 F . 5.02 -0.74 -13.67
O3 SO4 F . 4.51 -1.67 -11.44
O4 SO4 F . 6.79 -1.35 -12.25
CAA ICO G . 18.12 14.48 8.92
CAD ICO G . 17.29 14.49 7.80
CAI ICO G . 16.26 15.40 7.74
CAJ ICO G . 15.99 16.26 8.80
CAF ICO G . 16.78 16.26 9.94
CAB ICO G . 17.84 15.35 9.98
NAE ICO G . 18.76 15.12 10.98
CAG ICO G . 19.60 14.14 10.59
CAC ICO G . 19.26 13.69 9.33
CAH ICO G . 20.00 12.74 8.55
OAL ICO G . 21.15 12.39 8.95
OAK ICO G . 19.54 12.33 7.46
S SO4 H . 15.76 24.34 20.02
O1 SO4 H . 16.94 24.41 19.15
O2 SO4 H . 14.53 24.47 19.22
O3 SO4 H . 15.72 23.05 20.74
O4 SO4 H . 15.84 25.43 21.02
S SO4 I . 17.15 9.74 10.22
O1 SO4 I . 17.21 8.47 9.50
O2 SO4 I . 16.11 10.60 9.64
O3 SO4 I . 16.83 9.53 11.65
O4 SO4 I . 18.48 10.34 10.05
S SO4 J . -4.73 -2.44 12.66
O1 SO4 J . -3.90 -2.29 11.46
O2 SO4 J . -6.13 -2.73 12.29
O3 SO4 J . -4.19 -3.63 13.39
O4 SO4 J . -4.70 -1.26 13.56
#